data_5L7G
#
_entry.id   5L7G
#
_cell.length_a   48.635
_cell.length_b   77.704
_cell.length_c   78.314
_cell.angle_alpha   90.00
_cell.angle_beta   90.00
_cell.angle_gamma   90.00
#
_symmetry.space_group_name_H-M   'P 21 21 21'
#
loop_
_entity.id
_entity.type
_entity.pdbx_description
1 polymer 'Mineralocorticoid receptor'
2 polymer 'NCOA1 peptide'
3 non-polymer 1,2-ETHANEDIOL
4 non-polymer ~{N}-[[4-[5-[[2,3-bis(fluoranyl)phenoxy]methyl]-3-methyl-1,2-oxazol-4-yl]phenyl]methyl]-1-methyl-cyclopropane-1-sulfonamide
5 water water
#
loop_
_entity_poly.entity_id
_entity_poly.type
_entity_poly.pdbx_seq_one_letter_code
_entity_poly.pdbx_strand_id
1 'polypeptide(L)'
;MHNHNHNHNHNHNGGENLYFQGTPSPVMVLENIEPEIVYAGYDSSKPDTAENLLSTLNRLAGKQMIQVVKWAKVLPGFKN
LPLEDQITLIQYSWMSLLSFALSWRSYKHTNSQFLYFAPDLVFNEEKMHQSAMYELCQGMHQISLQFVRLQLTFEEYTIM
KVLLLLSTIPKDGLKSQAAFEEMRTNYIKELRKMVTKSPNNSGQSWQRFYQLTKLLDSMHDLVSDLLEFCFYTFRESHAL
KVEFPAMLVEIISDQLPKVESGNAKPLYFHRKGGSLVPRGSGGGSGGSGGPQAQQKSLLQQLLTE
;
A
2 'polypeptide(L)' KSLLQQLLTE B
#
loop_
_chem_comp.id
_chem_comp.type
_chem_comp.name
_chem_comp.formula
6QE non-polymer ~{N}-[[4-[5-[[2,3-bis(fluoranyl)phenoxy]methyl]-3-methyl-1,2-oxazol-4-yl]phenyl]methyl]-1-methyl-cyclopropane-1-sulfonamide 'C22 H22 F2 N2 O4 S'
EDO non-polymer 1,2-ETHANEDIOL 'C2 H6 O2'
#
# COMPACT_ATOMS: atom_id res chain seq x y z
N SER A 25 11.49 -17.58 12.20
CA SER A 25 11.73 -16.15 11.92
C SER A 25 10.59 -15.54 11.09
N PRO A 26 9.82 -14.59 11.68
CA PRO A 26 8.69 -13.99 10.93
C PRO A 26 9.11 -13.22 9.66
N VAL A 27 10.25 -12.52 9.74
CA VAL A 27 10.82 -11.72 8.64
C VAL A 27 11.19 -12.58 7.42
N MET A 28 11.76 -13.77 7.67
CA MET A 28 12.12 -14.72 6.63
C MET A 28 10.84 -15.27 5.97
N VAL A 29 9.76 -15.43 6.77
CA VAL A 29 8.44 -15.86 6.24
C VAL A 29 7.95 -14.74 5.28
N LEU A 30 8.04 -13.46 5.72
CA LEU A 30 7.65 -12.27 4.94
C LEU A 30 8.33 -12.24 3.58
N GLU A 31 9.66 -12.45 3.56
CA GLU A 31 10.46 -12.50 2.34
C GLU A 31 9.96 -13.56 1.34
N ASN A 32 9.57 -14.76 1.83
CA ASN A 32 9.11 -15.87 1.00
C ASN A 32 7.68 -15.78 0.54
N ILE A 33 6.84 -15.01 1.24
CA ILE A 33 5.42 -14.88 0.87
C ILE A 33 5.13 -13.60 0.06
N GLU A 34 6.20 -12.80 -0.21
CA GLU A 34 6.11 -11.59 -1.01
C GLU A 34 5.54 -11.96 -2.39
N PRO A 35 4.39 -11.36 -2.79
CA PRO A 35 3.77 -11.78 -4.06
C PRO A 35 4.64 -11.50 -5.29
N GLU A 36 4.58 -12.40 -6.28
CA GLU A 36 5.30 -12.27 -7.55
C GLU A 36 4.79 -11.06 -8.34
N ILE A 37 5.66 -10.45 -9.14
CA ILE A 37 5.33 -9.31 -10.01
C ILE A 37 4.19 -9.71 -11.00
N VAL A 38 3.25 -8.79 -11.25
CA VAL A 38 2.17 -8.99 -12.21
C VAL A 38 2.19 -7.91 -13.28
N TYR A 39 1.77 -8.26 -14.49
CA TYR A 39 1.70 -7.34 -15.61
C TYR A 39 0.46 -6.48 -15.54
N ALA A 40 0.54 -5.23 -16.01
CA ALA A 40 -0.59 -4.30 -16.06
C ALA A 40 -1.56 -4.64 -17.19
N GLY A 41 -1.04 -5.25 -18.26
CA GLY A 41 -1.82 -5.57 -19.45
C GLY A 41 -2.06 -4.32 -20.25
N TYR A 42 -1.08 -3.40 -20.22
CA TYR A 42 -1.10 -2.11 -20.90
C TYR A 42 -1.08 -2.21 -22.44
N ASP A 43 -2.03 -1.52 -23.09
CA ASP A 43 -2.15 -1.46 -24.55
C ASP A 43 -1.52 -0.17 -25.07
N SER A 44 -0.26 -0.28 -25.53
CA SER A 44 0.54 0.81 -26.08
C SER A 44 0.05 1.24 -27.48
N SER A 45 -0.74 0.38 -28.15
CA SER A 45 -1.29 0.70 -29.49
C SER A 45 -2.46 1.70 -29.41
N LYS A 46 -3.16 1.71 -28.26
CA LYS A 46 -4.31 2.59 -28.00
C LYS A 46 -3.88 4.03 -27.65
N PRO A 47 -4.77 5.06 -27.85
CA PRO A 47 -4.36 6.45 -27.53
C PRO A 47 -4.00 6.61 -26.05
N ASP A 48 -2.88 7.30 -25.76
CA ASP A 48 -2.40 7.47 -24.40
C ASP A 48 -3.10 8.61 -23.66
N THR A 49 -4.40 8.41 -23.47
CA THR A 49 -5.30 9.33 -22.79
C THR A 49 -5.28 9.03 -21.29
N ALA A 50 -5.87 9.92 -20.49
CA ALA A 50 -5.99 9.76 -19.04
C ALA A 50 -6.93 8.59 -18.73
N GLU A 51 -8.01 8.42 -19.51
CA GLU A 51 -8.99 7.35 -19.31
C GLU A 51 -8.40 5.96 -19.53
N ASN A 52 -7.53 5.80 -20.54
CA ASN A 52 -6.91 4.51 -20.84
C ASN A 52 -5.79 4.14 -19.85
N LEU A 53 -4.96 5.13 -19.44
CA LEU A 53 -3.91 4.90 -18.45
C LEU A 53 -4.52 4.58 -17.09
N LEU A 54 -5.53 5.36 -16.66
CA LEU A 54 -6.20 5.15 -15.36
C LEU A 54 -6.91 3.79 -15.30
N SER A 55 -7.56 3.39 -16.42
CA SER A 55 -8.25 2.09 -16.53
C SER A 55 -7.25 0.94 -16.44
N THR A 56 -6.05 1.10 -17.01
CA THR A 56 -4.97 0.11 -16.95
C THR A 56 -4.47 0.02 -15.52
N LEU A 57 -4.27 1.18 -14.86
CA LEU A 57 -3.84 1.24 -13.47
C LEU A 57 -4.86 0.57 -12.55
N ASN A 58 -6.16 0.76 -12.83
CA ASN A 58 -7.26 0.19 -12.04
C ASN A 58 -7.31 -1.32 -12.17
N ARG A 59 -7.10 -1.82 -13.42
CA ARG A 59 -7.05 -3.24 -13.75
C ARG A 59 -5.87 -3.86 -12.97
N LEU A 60 -4.72 -3.17 -12.99
CA LEU A 60 -3.52 -3.64 -12.30
C LEU A 60 -3.75 -3.66 -10.77
N ALA A 61 -4.35 -2.59 -10.22
CA ALA A 61 -4.69 -2.49 -8.80
C ALA A 61 -5.64 -3.64 -8.38
N GLY A 62 -6.60 -3.98 -9.25
CA GLY A 62 -7.50 -5.11 -9.02
C GLY A 62 -6.77 -6.43 -8.83
N LYS A 63 -5.84 -6.75 -9.76
CA LYS A 63 -5.04 -7.98 -9.73
C LYS A 63 -4.16 -8.02 -8.47
N GLN A 64 -3.46 -6.92 -8.21
CA GLN A 64 -2.58 -6.74 -7.06
C GLN A 64 -3.34 -6.88 -5.75
N MET A 65 -4.63 -6.45 -5.70
CA MET A 65 -5.43 -6.57 -4.49
C MET A 65 -5.78 -8.04 -4.19
N ILE A 66 -5.95 -8.86 -5.24
CA ILE A 66 -6.18 -10.30 -5.07
C ILE A 66 -4.93 -10.91 -4.43
N GLN A 67 -3.74 -10.49 -4.89
CA GLN A 67 -2.46 -10.91 -4.38
C GLN A 67 -2.28 -10.48 -2.92
N VAL A 68 -2.69 -9.24 -2.59
CA VAL A 68 -2.65 -8.67 -1.24
C VAL A 68 -3.49 -9.52 -0.26
N VAL A 69 -4.72 -9.92 -0.68
CA VAL A 69 -5.58 -10.75 0.15
C VAL A 69 -4.92 -12.14 0.41
N LYS A 70 -4.38 -12.80 -0.64
CA LYS A 70 -3.68 -14.10 -0.50
C LYS A 70 -2.43 -14.00 0.41
N TRP A 71 -1.72 -12.87 0.34
CA TRP A 71 -0.54 -12.57 1.16
C TRP A 71 -0.96 -12.37 2.63
N ALA A 72 -2.03 -11.58 2.87
CA ALA A 72 -2.54 -11.30 4.22
C ALA A 72 -2.98 -12.59 4.98
N LYS A 73 -3.62 -13.53 4.27
CA LYS A 73 -4.05 -14.83 4.78
C LYS A 73 -2.91 -15.63 5.40
N VAL A 74 -1.72 -15.60 4.75
CA VAL A 74 -0.58 -16.38 5.23
C VAL A 74 0.42 -15.52 6.02
N LEU A 75 0.01 -14.31 6.42
CA LEU A 75 0.87 -13.41 7.18
C LEU A 75 0.91 -13.87 8.64
N PRO A 76 2.08 -14.15 9.28
CA PRO A 76 2.03 -14.62 10.69
C PRO A 76 1.23 -13.69 11.61
N GLY A 77 0.26 -14.28 12.31
CA GLY A 77 -0.63 -13.61 13.26
C GLY A 77 -1.93 -13.05 12.70
N PHE A 78 -2.04 -12.95 11.37
CA PHE A 78 -3.19 -12.32 10.74
C PHE A 78 -4.48 -13.15 10.90
N LYS A 79 -4.36 -14.49 10.85
CA LYS A 79 -5.48 -15.43 11.04
C LYS A 79 -6.08 -15.37 12.46
N ASN A 80 -5.31 -14.92 13.47
CA ASN A 80 -5.79 -14.74 14.85
C ASN A 80 -6.88 -13.66 14.93
N LEU A 81 -6.79 -12.66 14.05
CA LEU A 81 -7.76 -11.57 14.01
C LEU A 81 -9.07 -12.09 13.44
N PRO A 82 -10.24 -11.67 13.99
CA PRO A 82 -11.53 -12.12 13.42
C PRO A 82 -11.68 -11.65 11.96
N LEU A 83 -12.49 -12.38 11.18
CA LEU A 83 -12.74 -12.11 9.76
C LEU A 83 -13.13 -10.65 9.46
N GLU A 84 -14.04 -10.07 10.25
CA GLU A 84 -14.52 -8.68 10.09
C GLU A 84 -13.35 -7.69 10.16
N ASP A 85 -12.41 -7.91 11.11
CA ASP A 85 -11.23 -7.07 11.32
C ASP A 85 -10.21 -7.21 10.21
N GLN A 86 -10.04 -8.43 9.69
CA GLN A 86 -9.15 -8.73 8.59
C GLN A 86 -9.62 -7.95 7.34
N ILE A 87 -10.95 -7.90 7.12
CA ILE A 87 -11.59 -7.20 6.00
C ILE A 87 -11.41 -5.70 6.18
N THR A 88 -11.70 -5.21 7.41
CA THR A 88 -11.57 -3.81 7.79
C THR A 88 -10.16 -3.29 7.49
N LEU A 89 -9.13 -4.04 7.91
CA LEU A 89 -7.73 -3.66 7.73
C LEU A 89 -7.31 -3.62 6.25
N ILE A 90 -7.69 -4.65 5.48
CA ILE A 90 -7.43 -4.71 4.04
C ILE A 90 -8.09 -3.50 3.33
N GLN A 91 -9.36 -3.22 3.67
CA GLN A 91 -10.12 -2.14 3.06
C GLN A 91 -9.62 -0.73 3.42
N TYR A 92 -9.11 -0.53 4.66
CA TYR A 92 -8.54 0.76 5.07
C TYR A 92 -7.12 1.01 4.53
N SER A 93 -6.31 -0.04 4.40
CA SER A 93 -4.89 0.07 4.02
C SER A 93 -4.55 -0.21 2.56
N TRP A 94 -5.50 -0.67 1.74
CA TRP A 94 -5.23 -1.09 0.34
C TRP A 94 -4.34 -0.11 -0.47
N MET A 95 -4.68 1.19 -0.45
CA MET A 95 -3.95 2.23 -1.16
C MET A 95 -2.53 2.38 -0.63
N SER A 96 -2.35 2.29 0.70
N SER A 96 -2.36 2.29 0.70
CA SER A 96 -1.05 2.37 1.37
CA SER A 96 -1.05 2.39 1.36
C SER A 96 -0.13 1.23 0.93
C SER A 96 -0.12 1.23 0.95
N LEU A 97 -0.67 0.01 0.84
CA LEU A 97 0.07 -1.19 0.46
C LEU A 97 0.49 -1.13 -1.00
N LEU A 98 -0.45 -0.76 -1.89
CA LEU A 98 -0.19 -0.63 -3.33
C LEU A 98 0.86 0.45 -3.64
N SER A 99 0.76 1.61 -2.99
CA SER A 99 1.71 2.71 -3.22
C SER A 99 3.09 2.41 -2.65
N PHE A 100 3.15 1.69 -1.52
CA PHE A 100 4.43 1.34 -0.91
C PHE A 100 5.16 0.29 -1.74
N ALA A 101 4.39 -0.63 -2.33
CA ALA A 101 4.94 -1.68 -3.18
C ALA A 101 5.41 -1.07 -4.51
N LEU A 102 4.69 -0.03 -5.00
CA LEU A 102 5.06 0.71 -6.21
C LEU A 102 6.43 1.40 -5.97
N SER A 103 6.60 2.06 -4.81
N SER A 103 6.59 2.07 -4.81
CA SER A 103 7.85 2.73 -4.46
CA SER A 103 7.82 2.75 -4.41
C SER A 103 9.02 1.75 -4.39
C SER A 103 9.00 1.77 -4.36
N TRP A 104 8.77 0.54 -3.82
CA TRP A 104 9.78 -0.51 -3.72
C TRP A 104 10.20 -1.02 -5.14
N ARG A 105 9.21 -1.26 -6.02
CA ARG A 105 9.44 -1.72 -7.39
C ARG A 105 10.22 -0.65 -8.15
N SER A 106 9.87 0.63 -7.92
CA SER A 106 10.53 1.77 -8.53
C SER A 106 12.00 1.88 -8.09
N TYR A 107 12.25 1.64 -6.79
CA TYR A 107 13.58 1.67 -6.20
C TYR A 107 14.42 0.48 -6.63
N LYS A 108 13.86 -0.72 -6.64
CA LYS A 108 14.58 -1.94 -6.98
C LYS A 108 14.96 -2.03 -8.45
N HIS A 109 14.00 -1.73 -9.34
CA HIS A 109 14.19 -1.87 -10.79
C HIS A 109 14.73 -0.66 -11.53
N THR A 110 14.53 0.57 -11.03
CA THR A 110 14.99 1.75 -11.79
C THR A 110 15.85 2.70 -10.97
N ASN A 111 16.22 2.30 -9.74
CA ASN A 111 16.91 3.13 -8.75
C ASN A 111 16.12 4.46 -8.52
N SER A 112 14.77 4.32 -8.49
CA SER A 112 13.75 5.36 -8.26
C SER A 112 13.77 6.47 -9.31
N GLN A 113 14.24 6.17 -10.54
CA GLN A 113 14.25 7.15 -11.63
C GLN A 113 12.87 7.27 -12.23
N PHE A 114 12.14 6.14 -12.31
CA PHE A 114 10.80 6.06 -12.88
C PHE A 114 9.84 5.39 -11.89
N LEU A 115 8.54 5.43 -12.20
CA LEU A 115 7.55 4.74 -11.40
C LEU A 115 7.27 3.38 -12.08
N TYR A 116 7.79 2.29 -11.45
CA TYR A 116 7.65 0.92 -11.95
C TYR A 116 6.32 0.25 -11.50
N PHE A 117 5.22 0.53 -12.20
CA PHE A 117 3.93 -0.07 -11.87
C PHE A 117 3.96 -1.56 -12.13
N ALA A 118 4.50 -1.94 -13.30
CA ALA A 118 4.61 -3.32 -13.74
C ALA A 118 5.74 -3.38 -14.79
N PRO A 119 6.22 -4.57 -15.23
CA PRO A 119 7.28 -4.60 -16.26
C PRO A 119 6.82 -3.98 -17.60
N ASP A 120 5.51 -4.06 -17.93
CA ASP A 120 4.92 -3.53 -19.15
C ASP A 120 4.35 -2.09 -18.94
N LEU A 121 4.50 -1.50 -17.73
CA LEU A 121 3.99 -0.16 -17.44
C LEU A 121 4.90 0.62 -16.50
N VAL A 122 5.86 1.33 -17.10
CA VAL A 122 6.85 2.13 -16.38
C VAL A 122 6.59 3.59 -16.74
N PHE A 123 6.22 4.41 -15.73
CA PHE A 123 5.90 5.83 -15.96
C PHE A 123 7.14 6.72 -15.96
N ASN A 124 7.26 7.50 -17.02
CA ASN A 124 8.25 8.58 -17.21
C ASN A 124 7.43 9.88 -17.07
N GLU A 125 8.05 11.05 -17.30
CA GLU A 125 7.41 12.38 -17.23
C GLU A 125 6.15 12.46 -18.08
N GLU A 126 6.20 11.93 -19.32
CA GLU A 126 5.10 11.91 -20.29
C GLU A 126 3.88 11.18 -19.73
N LYS A 127 4.06 9.96 -19.18
CA LYS A 127 2.96 9.18 -18.61
C LYS A 127 2.40 9.81 -17.32
N MET A 128 3.25 10.47 -16.52
CA MET A 128 2.81 11.19 -15.31
C MET A 128 1.86 12.34 -15.71
N HIS A 129 2.14 12.97 -16.86
CA HIS A 129 1.33 14.05 -17.42
C HIS A 129 0.03 13.55 -18.04
N GLN A 130 0.13 12.54 -18.94
CA GLN A 130 -1.01 11.94 -19.65
C GLN A 130 -2.07 11.32 -18.74
N SER A 131 -1.67 10.82 -17.55
CA SER A 131 -2.54 10.19 -16.57
C SER A 131 -3.36 11.19 -15.76
N ALA A 132 -3.05 12.52 -15.89
CA ALA A 132 -3.66 13.65 -15.17
C ALA A 132 -3.40 13.54 -13.66
N MET A 133 -2.29 12.86 -13.29
CA MET A 133 -1.88 12.57 -11.93
C MET A 133 -0.46 13.01 -11.59
N TYR A 134 0.10 13.98 -12.34
CA TYR A 134 1.48 14.47 -12.22
C TYR A 134 1.94 14.76 -10.78
N GLU A 135 1.22 15.64 -10.03
CA GLU A 135 1.58 16.01 -8.65
C GLU A 135 1.58 14.80 -7.71
N LEU A 136 0.59 13.90 -7.88
CA LEU A 136 0.49 12.65 -7.12
C LEU A 136 1.67 11.73 -7.41
N CYS A 137 2.02 11.58 -8.71
CA CYS A 137 3.15 10.78 -9.20
C CYS A 137 4.48 11.31 -8.65
N GLN A 138 4.63 12.64 -8.61
CA GLN A 138 5.82 13.29 -8.04
C GLN A 138 5.94 13.03 -6.54
N GLY A 139 4.80 13.00 -5.84
CA GLY A 139 4.72 12.72 -4.41
C GLY A 139 5.18 11.31 -4.07
N MET A 140 4.83 10.34 -4.95
CA MET A 140 5.22 8.95 -4.83
C MET A 140 6.70 8.78 -5.13
N HIS A 141 7.18 9.51 -6.16
CA HIS A 141 8.57 9.53 -6.60
C HIS A 141 9.47 9.97 -5.46
N GLN A 142 9.01 10.95 -4.65
CA GLN A 142 9.74 11.47 -3.47
C GLN A 142 9.95 10.37 -2.42
N ILE A 143 8.91 9.52 -2.18
CA ILE A 143 8.94 8.37 -1.27
C ILE A 143 10.00 7.37 -1.79
N SER A 144 9.98 7.05 -3.11
CA SER A 144 10.98 6.15 -3.67
C SER A 144 12.43 6.72 -3.60
N LEU A 145 12.56 8.06 -3.69
CA LEU A 145 13.86 8.72 -3.55
C LEU A 145 14.39 8.58 -2.10
N GLN A 146 13.46 8.47 -1.14
CA GLN A 146 13.77 8.21 0.27
C GLN A 146 14.31 6.78 0.44
N PHE A 147 13.80 5.82 -0.38
CA PHE A 147 14.31 4.44 -0.36
C PHE A 147 15.79 4.41 -0.78
N VAL A 148 16.17 5.24 -1.77
CA VAL A 148 17.55 5.39 -2.27
C VAL A 148 18.42 6.02 -1.19
N ARG A 149 17.95 7.12 -0.57
CA ARG A 149 18.64 7.87 0.50
C ARG A 149 18.95 6.96 1.68
N LEU A 150 17.95 6.18 2.11
CA LEU A 150 18.08 5.27 3.24
C LEU A 150 18.75 3.96 2.92
N GLN A 151 18.77 3.56 1.64
CA GLN A 151 19.30 2.26 1.21
C GLN A 151 18.46 1.16 1.89
N LEU A 152 17.12 1.36 1.87
CA LEU A 152 16.10 0.47 2.41
C LEU A 152 16.35 -0.96 1.98
N THR A 153 16.39 -1.87 2.94
CA THR A 153 16.60 -3.29 2.64
C THR A 153 15.23 -3.95 2.44
N PHE A 154 15.24 -5.15 1.85
CA PHE A 154 14.06 -5.96 1.59
C PHE A 154 13.45 -6.42 2.90
N GLU A 155 14.30 -6.73 3.89
CA GLU A 155 13.88 -7.13 5.23
C GLU A 155 13.05 -6.02 5.89
N GLU A 156 13.55 -4.78 5.83
CA GLU A 156 12.89 -3.59 6.38
C GLU A 156 11.57 -3.33 5.66
N TYR A 157 11.64 -3.32 4.32
CA TYR A 157 10.49 -3.12 3.43
C TYR A 157 9.34 -4.08 3.77
N THR A 158 9.62 -5.40 3.91
CA THR A 158 8.59 -6.41 4.20
C THR A 158 7.95 -6.17 5.57
N ILE A 159 8.74 -5.77 6.58
CA ILE A 159 8.16 -5.48 7.91
C ILE A 159 7.27 -4.23 7.84
N MET A 160 7.79 -3.18 7.20
CA MET A 160 7.08 -1.89 7.03
C MET A 160 5.73 -2.06 6.31
N LYS A 161 5.66 -2.94 5.28
CA LYS A 161 4.43 -3.19 4.54
C LYS A 161 3.36 -3.83 5.44
N VAL A 162 3.77 -4.74 6.36
CA VAL A 162 2.89 -5.34 7.37
C VAL A 162 2.40 -4.22 8.32
N LEU A 163 3.29 -3.32 8.73
CA LEU A 163 2.91 -2.19 9.56
C LEU A 163 1.89 -1.28 8.85
N LEU A 164 1.97 -1.16 7.51
CA LEU A 164 0.99 -0.37 6.76
C LEU A 164 -0.37 -1.04 6.70
N LEU A 165 -0.39 -2.39 6.70
CA LEU A 165 -1.65 -3.15 6.73
C LEU A 165 -2.36 -2.90 8.09
N LEU A 166 -1.56 -2.62 9.12
CA LEU A 166 -2.00 -2.39 10.48
C LEU A 166 -1.90 -0.89 10.92
N SER A 167 -1.98 0.06 9.97
N SER A 167 -1.98 0.06 9.96
CA SER A 167 -1.84 1.48 10.33
CA SER A 167 -1.82 1.48 10.26
C SER A 167 -3.12 2.33 10.20
C SER A 167 -3.10 2.32 10.19
N THR A 168 -4.27 1.70 9.91
CA THR A 168 -5.55 2.42 9.82
C THR A 168 -6.68 1.55 10.35
N ILE A 169 -7.33 2.00 11.43
CA ILE A 169 -8.42 1.25 12.08
C ILE A 169 -9.71 2.09 12.10
N PRO A 170 -10.92 1.54 12.39
CA PRO A 170 -12.09 2.42 12.52
C PRO A 170 -11.94 3.27 13.80
N LYS A 171 -12.47 4.50 13.79
CA LYS A 171 -12.42 5.46 14.89
C LYS A 171 -12.86 4.82 16.24
N ASP A 172 -13.90 3.96 16.19
CA ASP A 172 -14.40 3.24 17.37
C ASP A 172 -13.70 1.89 17.62
N GLY A 173 -12.58 1.65 16.95
CA GLY A 173 -11.74 0.47 17.12
C GLY A 173 -12.22 -0.78 16.42
N LEU A 174 -11.42 -1.85 16.52
CA LEU A 174 -11.74 -3.15 15.90
C LEU A 174 -12.59 -4.05 16.81
N LYS A 175 -13.13 -5.17 16.28
CA LYS A 175 -13.90 -6.12 17.12
C LYS A 175 -13.00 -6.71 18.21
N SER A 176 -11.76 -7.05 17.84
CA SER A 176 -10.73 -7.59 18.73
C SER A 176 -9.50 -6.66 18.72
N GLN A 177 -9.64 -5.49 19.40
CA GLN A 177 -8.62 -4.46 19.55
C GLN A 177 -7.30 -4.98 20.16
N ALA A 178 -7.38 -5.78 21.25
CA ALA A 178 -6.21 -6.34 21.94
C ALA A 178 -5.40 -7.29 21.03
N ALA A 179 -6.09 -8.16 20.26
CA ALA A 179 -5.46 -9.08 19.30
C ALA A 179 -4.72 -8.27 18.23
N PHE A 180 -5.36 -7.19 17.70
CA PHE A 180 -4.75 -6.29 16.72
C PHE A 180 -3.50 -5.62 17.32
N GLU A 181 -3.63 -5.00 18.51
CA GLU A 181 -2.52 -4.30 19.16
C GLU A 181 -1.33 -5.19 19.40
N GLU A 182 -1.55 -6.46 19.81
CA GLU A 182 -0.51 -7.46 20.06
C GLU A 182 0.25 -7.78 18.75
N MET A 183 -0.50 -7.99 17.65
CA MET A 183 0.10 -8.22 16.34
C MET A 183 0.95 -7.00 15.90
N ARG A 184 0.37 -5.77 15.95
N ARG A 184 0.37 -5.77 15.95
CA ARG A 184 1.08 -4.54 15.56
CA ARG A 184 1.06 -4.54 15.58
C ARG A 184 2.35 -4.31 16.40
C ARG A 184 2.34 -4.30 16.40
N THR A 185 2.27 -4.45 17.74
CA THR A 185 3.42 -4.30 18.67
C THR A 185 4.57 -5.24 18.33
N ASN A 186 4.24 -6.49 18.03
CA ASN A 186 5.20 -7.52 17.67
C ASN A 186 5.92 -7.23 16.36
N TYR A 187 5.19 -6.70 15.35
CA TYR A 187 5.82 -6.30 14.09
C TYR A 187 6.67 -5.02 14.28
N ILE A 188 6.31 -4.14 15.27
CA ILE A 188 7.14 -2.96 15.60
C ILE A 188 8.48 -3.48 16.21
N LYS A 189 8.39 -4.53 17.07
CA LYS A 189 9.55 -5.17 17.70
C LYS A 189 10.46 -5.79 16.63
N GLU A 190 9.84 -6.39 15.58
CA GLU A 190 10.56 -6.98 14.46
C GLU A 190 11.34 -5.94 13.69
N LEU A 191 10.71 -4.79 13.37
CA LEU A 191 11.36 -3.68 12.67
C LEU A 191 12.57 -3.17 13.47
N ARG A 192 12.42 -3.02 14.80
CA ARG A 192 13.49 -2.55 15.70
C ARG A 192 14.71 -3.48 15.72
N LYS A 193 14.49 -4.81 15.73
CA LYS A 193 15.56 -5.81 15.71
C LYS A 193 16.26 -5.81 14.34
N MET A 194 15.49 -5.56 13.27
CA MET A 194 15.99 -5.50 11.90
C MET A 194 16.91 -4.29 11.63
N VAL A 195 16.62 -3.11 12.24
CA VAL A 195 17.46 -1.91 12.02
C VAL A 195 18.87 -2.08 12.62
N THR A 196 19.02 -2.95 13.66
CA THR A 196 20.32 -3.27 14.30
C THR A 196 21.32 -3.87 13.29
N LYS A 197 20.79 -4.55 12.24
CA LYS A 197 21.57 -5.15 11.16
C LYS A 197 22.15 -4.09 10.20
N SER A 198 21.61 -2.85 10.21
CA SER A 198 22.11 -1.71 9.41
C SER A 198 22.54 -0.54 10.35
N PRO A 199 23.65 -0.69 11.15
CA PRO A 199 24.05 0.41 12.05
C PRO A 199 24.98 1.45 11.42
N ASN A 200 25.13 2.63 12.08
CA ASN A 200 25.99 3.72 11.63
C ASN A 200 27.46 3.48 12.04
N SER A 202 29.44 4.22 14.61
CA SER A 202 29.23 4.20 16.05
C SER A 202 28.53 2.92 16.55
N GLY A 203 27.83 2.22 15.64
CA GLY A 203 27.13 0.99 15.93
C GLY A 203 25.72 1.17 16.47
N GLN A 204 25.19 2.40 16.40
CA GLN A 204 23.84 2.76 16.87
C GLN A 204 22.81 2.48 15.76
N SER A 205 21.56 2.18 16.14
CA SER A 205 20.48 1.90 15.19
C SER A 205 19.20 2.72 15.45
N TRP A 206 19.10 3.43 16.62
CA TRP A 206 17.96 4.27 16.97
C TRP A 206 17.64 5.29 15.87
N GLN A 207 18.70 5.87 15.25
CA GLN A 207 18.56 6.84 14.17
C GLN A 207 17.79 6.25 12.99
N ARG A 208 18.20 5.04 12.52
CA ARG A 208 17.54 4.36 11.39
C ARG A 208 16.09 4.02 11.70
N PHE A 209 15.82 3.50 12.93
CA PHE A 209 14.48 3.18 13.37
C PHE A 209 13.52 4.39 13.28
N TYR A 210 13.97 5.58 13.72
CA TYR A 210 13.16 6.79 13.64
C TYR A 210 13.02 7.31 12.23
N GLN A 211 14.02 7.06 11.36
CA GLN A 211 13.91 7.44 9.96
C GLN A 211 12.85 6.54 9.28
N LEU A 212 12.72 5.29 9.74
CA LEU A 212 11.79 4.32 9.18
C LEU A 212 10.37 4.58 9.64
N THR A 213 10.19 4.94 10.92
CA THR A 213 8.87 5.25 11.46
C THR A 213 8.35 6.56 10.89
N LYS A 214 9.27 7.52 10.59
CA LYS A 214 8.94 8.81 9.98
C LYS A 214 8.47 8.58 8.52
N LEU A 215 9.21 7.74 7.78
CA LEU A 215 8.86 7.37 6.41
C LEU A 215 7.48 6.70 6.39
N LEU A 216 7.19 5.83 7.38
CA LEU A 216 5.88 5.17 7.50
C LEU A 216 4.75 6.17 7.72
N ASP A 217 4.94 7.12 8.64
CA ASP A 217 3.99 8.19 8.95
C ASP A 217 3.67 9.06 7.76
N SER A 218 4.70 9.39 6.94
CA SER A 218 4.58 10.20 5.75
C SER A 218 3.76 9.52 4.60
N MET A 219 3.43 8.21 4.75
CA MET A 219 2.59 7.49 3.80
C MET A 219 1.13 7.94 3.92
N HIS A 220 0.64 8.22 5.16
CA HIS A 220 -0.75 8.64 5.40
C HIS A 220 -1.19 9.87 4.56
N ASP A 221 -0.35 10.90 4.51
CA ASP A 221 -0.64 12.15 3.79
C ASP A 221 -0.69 11.98 2.27
N LEU A 222 0.28 11.24 1.71
CA LEU A 222 0.31 10.91 0.28
C LEU A 222 -0.92 10.05 -0.09
N VAL A 223 -1.24 9.05 0.76
CA VAL A 223 -2.37 8.13 0.58
C VAL A 223 -3.71 8.89 0.72
N SER A 224 -3.75 9.91 1.59
CA SER A 224 -4.94 10.78 1.73
C SER A 224 -5.24 11.48 0.38
N ASP A 225 -4.19 11.92 -0.34
CA ASP A 225 -4.30 12.57 -1.64
C ASP A 225 -4.66 11.59 -2.75
N LEU A 226 -4.10 10.36 -2.72
CA LEU A 226 -4.40 9.32 -3.73
C LEU A 226 -5.86 8.90 -3.61
N LEU A 227 -6.35 8.77 -2.37
CA LEU A 227 -7.73 8.40 -2.06
C LEU A 227 -8.69 9.46 -2.50
N GLU A 228 -8.31 10.75 -2.35
CA GLU A 228 -9.13 11.87 -2.81
C GLU A 228 -9.31 11.79 -4.35
N PHE A 229 -8.20 11.49 -5.07
CA PHE A 229 -8.23 11.34 -6.53
C PHE A 229 -9.08 10.11 -6.87
N CYS A 230 -8.86 8.99 -6.16
CA CYS A 230 -9.60 7.74 -6.34
C CYS A 230 -11.09 7.97 -6.23
N PHE A 231 -11.54 8.57 -5.12
CA PHE A 231 -12.94 8.81 -4.83
C PHE A 231 -13.62 9.68 -5.88
N TYR A 232 -12.92 10.74 -6.37
CA TYR A 232 -13.42 11.61 -7.43
C TYR A 232 -13.64 10.81 -8.72
N THR A 233 -12.63 10.04 -9.14
CA THR A 233 -12.70 9.26 -10.37
C THR A 233 -13.76 8.17 -10.32
N PHE A 234 -14.01 7.61 -9.11
CA PHE A 234 -15.03 6.58 -8.87
C PHE A 234 -16.46 7.15 -8.95
N ARG A 235 -16.68 8.36 -8.41
CA ARG A 235 -17.97 9.08 -8.43
C ARG A 235 -18.35 9.54 -9.83
N GLU A 236 -17.35 9.76 -10.70
CA GLU A 236 -17.53 10.25 -12.07
C GLU A 236 -16.90 9.32 -13.15
N SER A 237 -16.73 8.00 -12.85
CA SER A 237 -16.06 7.00 -13.69
C SER A 237 -16.47 7.00 -15.18
N HIS A 238 -17.79 6.90 -15.51
CA HIS A 238 -18.20 6.89 -16.92
C HIS A 238 -17.99 8.23 -17.64
N ALA A 239 -18.25 9.37 -16.95
CA ALA A 239 -18.05 10.72 -17.49
C ALA A 239 -16.56 10.94 -17.85
N LEU A 240 -15.65 10.28 -17.09
CA LEU A 240 -14.21 10.31 -17.29
C LEU A 240 -13.73 9.09 -18.13
N LYS A 241 -14.64 8.13 -18.45
CA LYS A 241 -14.41 6.88 -19.22
C LYS A 241 -13.38 5.93 -18.53
N VAL A 242 -13.31 5.99 -17.19
CA VAL A 242 -12.38 5.21 -16.37
C VAL A 242 -13.08 3.94 -15.84
N GLU A 243 -12.50 2.78 -16.13
CA GLU A 243 -13.05 1.51 -15.69
C GLU A 243 -12.49 1.06 -14.34
N PHE A 244 -13.34 0.41 -13.54
CA PHE A 244 -12.98 -0.12 -12.23
C PHE A 244 -13.29 -1.61 -12.16
N PRO A 245 -12.30 -2.47 -11.84
CA PRO A 245 -12.60 -3.91 -11.68
C PRO A 245 -13.42 -4.17 -10.40
N ALA A 246 -14.16 -5.30 -10.39
CA ALA A 246 -15.03 -5.76 -9.28
C ALA A 246 -14.42 -5.64 -7.86
N MET A 247 -13.13 -6.05 -7.70
CA MET A 247 -12.39 -5.98 -6.44
C MET A 247 -12.36 -4.52 -5.93
N LEU A 248 -12.08 -3.56 -6.83
CA LEU A 248 -12.02 -2.13 -6.49
C LEU A 248 -13.38 -1.54 -6.20
N VAL A 249 -14.44 -1.96 -6.96
CA VAL A 249 -15.80 -1.46 -6.76
C VAL A 249 -16.21 -1.75 -5.33
N GLU A 250 -15.98 -2.99 -4.89
CA GLU A 250 -16.30 -3.46 -3.58
C GLU A 250 -15.51 -2.71 -2.51
N ILE A 251 -14.17 -2.66 -2.66
CA ILE A 251 -13.32 -1.95 -1.69
C ILE A 251 -13.73 -0.48 -1.55
N ILE A 252 -13.79 0.25 -2.69
CA ILE A 252 -14.11 1.67 -2.72
C ILE A 252 -15.53 1.98 -2.22
N SER A 253 -16.56 1.20 -2.62
CA SER A 253 -17.95 1.44 -2.18
C SER A 253 -18.10 1.40 -0.67
N ASP A 254 -17.29 0.57 -0.01
CA ASP A 254 -17.29 0.42 1.42
C ASP A 254 -16.44 1.51 2.11
N GLN A 255 -15.25 1.79 1.55
CA GLN A 255 -14.24 2.71 2.08
C GLN A 255 -14.56 4.18 1.87
N LEU A 256 -15.14 4.57 0.71
CA LEU A 256 -15.50 5.94 0.38
C LEU A 256 -16.42 6.57 1.46
N PRO A 257 -17.56 5.94 1.88
CA PRO A 257 -18.40 6.57 2.91
C PRO A 257 -17.71 6.68 4.27
N LYS A 258 -16.98 5.62 4.69
CA LYS A 258 -16.26 5.57 5.97
C LYS A 258 -15.14 6.61 6.09
N VAL A 259 -14.32 6.78 5.03
CA VAL A 259 -13.21 7.75 4.97
C VAL A 259 -13.78 9.18 4.93
N GLU A 260 -14.81 9.44 4.09
CA GLU A 260 -15.41 10.78 3.96
C GLU A 260 -16.21 11.19 5.21
N SER A 261 -16.77 10.22 5.95
CA SER A 261 -17.51 10.49 7.20
C SER A 261 -16.57 10.71 8.41
N GLY A 262 -15.27 10.52 8.20
CA GLY A 262 -14.24 10.66 9.24
C GLY A 262 -14.14 9.47 10.16
N ASN A 263 -14.64 8.28 9.73
CA ASN A 263 -14.62 7.07 10.55
C ASN A 263 -13.28 6.31 10.52
N ALA A 264 -12.31 6.76 9.71
CA ALA A 264 -10.99 6.13 9.67
C ALA A 264 -10.08 6.79 10.70
N LYS A 265 -9.29 5.98 11.39
CA LYS A 265 -8.31 6.44 12.37
C LYS A 265 -6.89 6.03 11.93
N PRO A 266 -6.15 6.94 11.24
CA PRO A 266 -4.75 6.63 10.88
C PRO A 266 -3.87 6.59 12.13
N LEU A 267 -3.03 5.57 12.24
CA LEU A 267 -2.15 5.35 13.38
C LEU A 267 -0.74 5.84 13.04
N TYR A 268 -0.31 6.84 13.78
CA TYR A 268 0.99 7.48 13.61
C TYR A 268 1.91 7.05 14.72
N PHE A 269 3.16 6.80 14.39
CA PHE A 269 4.19 6.54 15.38
C PHE A 269 4.47 7.84 16.13
N HIS A 270 4.45 8.95 15.40
CA HIS A 270 4.78 10.30 15.88
C HIS A 270 3.74 11.35 15.50
N ARG A 271 2.80 11.63 16.42
CA ARG A 271 1.72 12.63 16.23
C ARG A 271 2.24 13.99 15.71
N LYS A 272 1.54 14.53 14.68
CA LYS A 272 1.84 15.81 14.02
C LYS A 272 1.47 17.01 14.89
N LYS B 1 -22.12 -13.40 -0.03
CA LYS B 1 -20.69 -13.34 0.31
C LYS B 1 -19.92 -12.40 -0.64
N SER B 2 -19.18 -11.43 -0.07
CA SER B 2 -18.37 -10.45 -0.81
C SER B 2 -17.06 -11.07 -1.31
N LEU B 3 -16.41 -10.46 -2.33
CA LEU B 3 -15.15 -10.95 -2.91
C LEU B 3 -14.04 -11.08 -1.88
N LEU B 4 -13.96 -10.12 -0.94
CA LEU B 4 -12.99 -10.13 0.15
C LEU B 4 -13.26 -11.25 1.13
N GLN B 5 -14.55 -11.47 1.47
CA GLN B 5 -15.01 -12.55 2.34
C GLN B 5 -14.70 -13.91 1.71
N GLN B 6 -15.00 -14.07 0.39
CA GLN B 6 -14.75 -15.29 -0.39
C GLN B 6 -13.28 -15.68 -0.42
N LEU B 7 -12.40 -14.71 -0.69
CA LEU B 7 -10.95 -14.95 -0.77
C LEU B 7 -10.34 -15.25 0.59
N LEU B 8 -10.80 -14.55 1.65
CA LEU B 8 -10.25 -14.75 3.00
C LEU B 8 -10.66 -16.08 3.64
N THR B 9 -11.86 -16.60 3.31
CA THR B 9 -12.41 -17.84 3.88
C THR B 9 -12.16 -19.10 3.02
N GLU B 10 -11.88 -18.96 1.70
CA GLU B 10 -11.64 -20.13 0.82
C GLU B 10 -10.41 -20.96 1.21
C1 EDO C . 16.25 10.83 12.58
O1 EDO C . 16.47 9.54 13.15
C2 EDO C . 14.79 11.31 12.82
O2 EDO C . 13.94 10.88 11.77
C1 6QE D . -1.61 -0.53 -9.50
C2 6QE D . -0.93 0.40 -8.58
O4 6QE D . 0.68 1.28 -7.45
C8 6QE D . -0.56 5.16 -7.41
C9 6QE D . -1.15 5.22 -8.66
C10 6QE D . -0.78 6.18 -9.58
C11 6QE D . 0.20 7.09 -9.26
C12 6QE D . 0.80 7.03 -8.02
C14 6QE D . 0.42 6.09 -7.08
C16 6QE D . -1.50 1.48 -7.88
C19 6QE D . -4.88 2.41 -9.11
C20 6QE D . -5.57 2.60 -7.92
C21 6QE D . -7.00 3.01 -7.97
C27 6QE D . -5.11 7.59 -7.74
C30 6QE D . -4.93 2.43 -6.70
C31 6QE D . -3.59 2.06 -6.68
N3 6QE D . 0.38 0.26 -8.34
C5 6QE D . -0.43 2.02 -7.18
C6 6QE D . -0.19 3.13 -6.26
O7 6QE D . -1.07 4.20 -6.53
F13 6QE D . 1.75 7.92 -7.69
F15 6QE D . 1.05 6.13 -5.87
C17 6QE D . -2.89 1.90 -7.86
C18 6QE D . -3.54 2.07 -9.07
N22 6QE D . -7.22 4.13 -8.94
S23 6QE D . -7.08 5.76 -8.43
O24 6QE D . -7.20 5.73 -6.98
O25 6QE D . -7.90 6.60 -9.26
C26 6QE D . -5.41 6.42 -8.61
C28 6QE D . -4.31 5.44 -8.60
C29 6QE D . -4.78 6.01 -9.90
#